data_1UM8
#
_entry.id   1UM8
#
_cell.length_a   78.515
_cell.length_b   78.515
_cell.length_c   131.514
_cell.angle_alpha   90.00
_cell.angle_beta   90.00
_cell.angle_gamma   120.00
#
_symmetry.space_group_name_H-M   'P 65'
#
loop_
_entity.id
_entity.type
_entity.pdbx_description
1 polymer 'ATP-dependent Clp protease ATP-binding subunit clpX'
2 non-polymer "ADENOSINE-5'-DIPHOSPHATE"
3 water water
#
_entity_poly.entity_id   1
_entity_poly.type   'polypeptide(L)'
_entity_poly.pdbx_seq_one_letter_code
;EEEFLLSYIPAPKELKAVLDNYVIGQEQAKKVFSVAVYNHYKRLSFKEKLKKQDNQDSNVELEHLEEVELSKSNILLIGP
TGSGKTLMAQTLAKHLDIPIAISDATSLTEAGYVGEDVENILTRLLQASDWNVQKAQKGIVFIDEIDKISRLSENRSITR
DVSGEGVQQALLKIVEGSLVNIPPKGGRKHPEGNFIQIDTSDILFICAGAFDGLAEIIKKRTTQNVLGFTQEKMSKKEQE
AILHLVQTHDLVTYGLIPELIGRLPVLSTLDSISLEAMVDILQKPKNALIKQYQQLFKMDEVDLIFEEEAIKEIAQLALE
RKTGARGLRAIIEDFCLDIMFDLPKLKGSEVRITKDCVLKQAEPLIIAKTHSKILP
;
_entity_poly.pdbx_strand_id   A
#
# COMPACT_ATOMS: atom_id res chain seq x y z
N LEU A 5 13.48 -9.72 13.97
CA LEU A 5 13.32 -11.16 13.59
C LEU A 5 13.82 -11.40 12.16
N LEU A 6 15.10 -11.72 12.05
CA LEU A 6 15.68 -12.00 10.75
C LEU A 6 15.86 -13.50 10.79
N SER A 7 15.18 -14.14 11.73
CA SER A 7 15.26 -15.59 11.92
C SER A 7 14.44 -16.39 10.92
N TYR A 8 13.29 -15.85 10.52
CA TYR A 8 12.47 -16.54 9.52
C TYR A 8 11.65 -15.59 8.68
N ILE A 9 11.95 -15.57 7.40
CA ILE A 9 11.22 -14.71 6.50
C ILE A 9 10.17 -15.58 5.85
N PRO A 10 8.91 -15.39 6.22
CA PRO A 10 7.89 -16.22 5.59
C PRO A 10 7.99 -16.10 4.09
N ALA A 11 7.64 -17.19 3.41
CA ALA A 11 7.68 -17.26 1.96
C ALA A 11 6.81 -16.18 1.32
N PRO A 12 7.06 -15.89 0.04
CA PRO A 12 6.32 -14.89 -0.72
C PRO A 12 4.83 -15.21 -0.75
N LYS A 13 4.50 -16.49 -0.78
CA LYS A 13 3.12 -16.93 -0.82
C LYS A 13 2.45 -16.70 0.53
N GLU A 14 3.24 -16.83 1.60
CA GLU A 14 2.72 -16.62 2.93
C GLU A 14 2.44 -15.15 3.09
N LEU A 15 3.42 -14.33 2.75
CA LEU A 15 3.28 -12.88 2.84
C LEU A 15 2.07 -12.46 2.02
N LYS A 16 1.96 -12.96 0.80
CA LYS A 16 0.85 -12.63 -0.07
C LYS A 16 -0.49 -13.04 0.59
N ALA A 17 -0.45 -14.09 1.41
CA ALA A 17 -1.66 -14.54 2.09
C ALA A 17 -2.05 -13.48 3.09
N VAL A 18 -1.07 -12.97 3.86
CA VAL A 18 -1.36 -11.94 4.83
C VAL A 18 -1.96 -10.77 4.05
N LEU A 19 -1.30 -10.41 2.97
CA LEU A 19 -1.77 -9.31 2.14
C LEU A 19 -3.23 -9.54 1.74
N ASP A 20 -3.55 -10.73 1.28
CA ASP A 20 -4.92 -11.02 0.87
C ASP A 20 -5.97 -10.78 1.97
N ASN A 21 -5.59 -10.92 3.23
CA ASN A 21 -6.53 -10.70 4.33
C ASN A 21 -6.85 -9.23 4.59
N TYR A 22 -6.19 -8.31 3.89
CA TYR A 22 -6.43 -6.90 4.11
C TYR A 22 -6.60 -6.05 2.86
N VAL A 23 -6.00 -6.50 1.77
CA VAL A 23 -6.04 -5.78 0.51
C VAL A 23 -6.84 -6.57 -0.51
N ILE A 24 -7.86 -5.92 -1.10
CA ILE A 24 -8.71 -6.55 -2.10
C ILE A 24 -8.18 -6.15 -3.48
N GLY A 25 -8.24 -7.09 -4.41
CA GLY A 25 -7.74 -6.79 -5.74
C GLY A 25 -6.24 -6.59 -5.73
N GLN A 26 -5.73 -5.99 -6.79
CA GLN A 26 -4.29 -5.75 -6.91
C GLN A 26 -3.51 -7.06 -6.78
N GLU A 27 -3.93 -8.11 -7.50
CA GLU A 27 -3.26 -9.40 -7.44
C GLU A 27 -1.80 -9.34 -7.87
N GLN A 28 -1.53 -8.70 -9.00
CA GLN A 28 -0.15 -8.61 -9.47
C GLN A 28 0.71 -7.83 -8.48
N ALA A 29 0.26 -6.64 -8.13
CA ALA A 29 1.00 -5.80 -7.20
C ALA A 29 1.24 -6.56 -5.91
N LYS A 30 0.27 -7.36 -5.50
CA LYS A 30 0.44 -8.13 -4.28
C LYS A 30 1.58 -9.11 -4.46
N LYS A 31 1.57 -9.79 -5.60
CA LYS A 31 2.59 -10.77 -5.93
C LYS A 31 3.97 -10.12 -5.98
N VAL A 32 4.07 -9.05 -6.76
CA VAL A 32 5.34 -8.32 -6.88
C VAL A 32 5.83 -7.81 -5.54
N PHE A 33 4.95 -7.31 -4.71
CA PHE A 33 5.37 -6.79 -3.41
C PHE A 33 5.89 -7.90 -2.50
N SER A 34 5.21 -9.04 -2.53
CA SER A 34 5.58 -10.17 -1.68
C SER A 34 6.96 -10.72 -1.99
N VAL A 35 7.23 -10.88 -3.27
CA VAL A 35 8.51 -11.42 -3.72
C VAL A 35 9.58 -10.39 -3.41
N ALA A 36 9.25 -9.11 -3.62
CA ALA A 36 10.20 -8.05 -3.37
C ALA A 36 10.53 -7.88 -1.89
N VAL A 37 9.54 -7.96 -1.02
CA VAL A 37 9.83 -7.80 0.40
C VAL A 37 10.57 -9.03 0.91
N TYR A 38 10.31 -10.19 0.30
CA TYR A 38 10.98 -11.44 0.66
C TYR A 38 12.46 -11.42 0.23
N ASN A 39 12.72 -11.16 -1.04
CA ASN A 39 14.11 -11.10 -1.52
C ASN A 39 14.93 -10.13 -0.70
N HIS A 40 14.32 -9.00 -0.35
CA HIS A 40 15.04 -8.03 0.44
C HIS A 40 15.42 -8.60 1.80
N TYR A 41 14.46 -9.20 2.49
CA TYR A 41 14.75 -9.74 3.81
C TYR A 41 15.44 -11.10 3.82
N LYS A 42 15.32 -11.87 2.74
CA LYS A 42 16.01 -13.15 2.68
C LYS A 42 17.52 -12.80 2.65
N ARG A 43 17.87 -11.80 1.84
CA ARG A 43 19.26 -11.38 1.73
C ARG A 43 19.85 -10.86 3.05
N LEU A 44 19.17 -9.91 3.69
CA LEU A 44 19.70 -9.40 4.94
C LEU A 44 19.88 -10.53 5.95
N SER A 45 18.96 -11.48 5.93
CA SER A 45 19.02 -12.62 6.84
C SER A 45 20.18 -13.54 6.47
N PHE A 46 20.22 -13.94 5.21
CA PHE A 46 21.28 -14.79 4.67
C PHE A 46 22.63 -14.16 4.96
N LYS A 47 22.73 -12.86 4.72
CA LYS A 47 23.97 -12.12 4.95
C LYS A 47 24.37 -12.16 6.41
N GLU A 48 23.38 -12.04 7.29
CA GLU A 48 23.60 -12.05 8.73
C GLU A 48 23.98 -13.44 9.22
N LYS A 49 23.45 -14.46 8.55
CA LYS A 49 23.75 -15.84 8.93
C LYS A 49 25.27 -16.10 8.85
N LEU A 50 25.86 -15.78 7.68
CA LEU A 50 27.28 -15.97 7.44
C LEU A 50 28.13 -15.28 8.49
N LYS A 51 27.92 -13.97 8.65
CA LYS A 51 28.70 -13.22 9.61
C LYS A 51 28.74 -13.91 10.96
N LYS A 52 27.59 -14.23 11.51
CA LYS A 52 27.58 -14.90 12.81
C LYS A 52 28.41 -16.17 12.69
N GLN A 53 28.16 -16.92 11.63
CA GLN A 53 28.84 -18.18 11.34
C GLN A 53 30.36 -18.02 11.42
N ASP A 54 30.83 -16.81 11.12
CA ASP A 54 32.24 -16.44 11.17
C ASP A 54 33.29 -17.51 10.88
N ASN A 55 33.46 -17.86 9.60
CA ASN A 55 34.48 -18.84 9.20
C ASN A 55 34.90 -18.57 7.77
N GLN A 56 35.77 -19.40 7.20
CA GLN A 56 36.26 -19.15 5.84
C GLN A 56 35.27 -19.45 4.73
N ASP A 57 34.48 -20.51 4.87
CA ASP A 57 33.50 -20.84 3.84
C ASP A 57 32.46 -19.73 3.72
N SER A 58 31.82 -19.41 4.83
CA SER A 58 30.81 -18.37 4.86
C SER A 58 31.43 -17.02 4.54
N ASN A 59 32.75 -16.92 4.62
CA ASN A 59 33.38 -15.64 4.34
C ASN A 59 33.63 -15.44 2.85
N VAL A 60 33.72 -16.54 2.09
CA VAL A 60 33.92 -16.40 0.66
C VAL A 60 32.59 -15.97 0.04
N GLU A 61 31.51 -16.62 0.48
CA GLU A 61 30.16 -16.31 0.01
C GLU A 61 29.84 -14.84 0.22
N LEU A 62 30.21 -14.31 1.38
CA LEU A 62 29.97 -12.91 1.68
C LEU A 62 30.66 -12.03 0.67
N GLU A 63 31.86 -12.42 0.27
CA GLU A 63 32.62 -11.64 -0.70
C GLU A 63 32.00 -11.73 -2.09
N HIS A 64 31.54 -12.93 -2.45
CA HIS A 64 30.92 -13.09 -3.75
C HIS A 64 29.58 -12.34 -3.79
N LEU A 65 28.82 -12.45 -2.71
CA LEU A 65 27.54 -11.77 -2.63
C LEU A 65 27.76 -10.26 -2.78
N GLU A 66 28.91 -9.81 -2.30
CA GLU A 66 29.28 -8.40 -2.39
C GLU A 66 29.78 -8.13 -3.80
N GLU A 67 30.66 -9.00 -4.29
CA GLU A 67 31.20 -8.82 -5.63
C GLU A 67 30.11 -8.76 -6.67
N VAL A 68 29.18 -9.71 -6.63
CA VAL A 68 28.07 -9.78 -7.60
C VAL A 68 27.19 -8.53 -7.54
N GLU A 69 27.26 -7.83 -6.41
CA GLU A 69 26.51 -6.60 -6.20
C GLU A 69 25.01 -6.74 -6.42
N LEU A 70 24.34 -7.42 -5.49
CA LEU A 70 22.90 -7.63 -5.54
C LEU A 70 22.17 -6.34 -5.19
N SER A 71 21.86 -5.54 -6.21
CA SER A 71 21.15 -4.26 -6.03
C SER A 71 19.98 -4.34 -5.04
N LYS A 72 19.85 -3.35 -4.15
CA LYS A 72 18.77 -3.39 -3.20
C LYS A 72 17.49 -3.17 -3.96
N SER A 73 16.49 -4.00 -3.66
CA SER A 73 15.22 -3.93 -4.33
C SER A 73 14.24 -2.91 -3.77
N ASN A 74 14.62 -1.64 -3.72
CA ASN A 74 13.71 -0.63 -3.24
C ASN A 74 12.51 -0.67 -4.20
N ILE A 75 11.30 -0.46 -3.67
CA ILE A 75 10.12 -0.54 -4.50
C ILE A 75 9.51 0.81 -4.85
N LEU A 76 8.88 0.86 -6.03
CA LEU A 76 8.18 2.05 -6.49
C LEU A 76 6.77 1.58 -6.78
N LEU A 77 5.82 2.08 -6.00
CA LEU A 77 4.41 1.73 -6.17
C LEU A 77 3.71 2.85 -6.91
N ILE A 78 3.04 2.50 -8.00
CA ILE A 78 2.33 3.47 -8.80
C ILE A 78 0.86 3.07 -8.89
N GLY A 79 -0.02 3.95 -8.44
CA GLY A 79 -1.45 3.64 -8.48
C GLY A 79 -2.31 4.75 -7.91
N PRO A 80 -3.51 4.95 -8.46
CA PRO A 80 -4.40 5.99 -7.97
C PRO A 80 -4.51 6.00 -6.45
N THR A 81 -4.74 7.19 -5.89
CA THR A 81 -4.89 7.39 -4.46
C THR A 81 -6.01 6.50 -3.92
N GLY A 82 -5.75 5.83 -2.80
CA GLY A 82 -6.73 4.95 -2.20
C GLY A 82 -6.83 3.56 -2.79
N SER A 83 -5.74 3.04 -3.37
CA SER A 83 -5.79 1.70 -3.94
C SER A 83 -5.17 0.58 -3.10
N GLY A 84 -4.44 0.94 -2.05
CA GLY A 84 -3.82 -0.06 -1.20
C GLY A 84 -2.29 0.02 -1.16
N LYS A 85 -1.74 1.10 -1.69
CA LYS A 85 -0.30 1.26 -1.73
C LYS A 85 0.36 1.27 -0.35
N THR A 86 0.11 2.30 0.46
CA THR A 86 0.73 2.30 1.78
C THR A 86 0.12 1.21 2.67
N LEU A 87 -1.04 0.71 2.27
CA LEU A 87 -1.72 -0.35 3.01
C LEU A 87 -0.94 -1.65 2.89
N MET A 88 -0.48 -1.96 1.68
CA MET A 88 0.28 -3.18 1.47
C MET A 88 1.49 -3.10 2.37
N ALA A 89 2.22 -1.99 2.27
CA ALA A 89 3.40 -1.78 3.07
C ALA A 89 3.09 -1.86 4.55
N GLN A 90 2.05 -1.17 5.00
CA GLN A 90 1.69 -1.20 6.42
C GLN A 90 1.35 -2.62 6.90
N THR A 91 0.61 -3.34 6.07
CA THR A 91 0.19 -4.70 6.38
C THR A 91 1.34 -5.65 6.68
N LEU A 92 2.33 -5.67 5.78
CA LEU A 92 3.46 -6.56 5.99
C LEU A 92 4.40 -6.06 7.09
N ALA A 93 4.61 -4.76 7.15
CA ALA A 93 5.48 -4.20 8.17
C ALA A 93 4.92 -4.57 9.55
N LYS A 94 3.61 -4.71 9.66
CA LYS A 94 2.97 -5.06 10.92
C LYS A 94 3.07 -6.57 11.17
N HIS A 95 3.08 -7.34 10.10
CA HIS A 95 3.17 -8.79 10.24
C HIS A 95 4.58 -9.20 10.64
N LEU A 96 5.58 -8.68 9.93
CA LEU A 96 6.97 -9.01 10.22
C LEU A 96 7.44 -8.21 11.43
N ASP A 97 6.55 -7.38 11.95
CA ASP A 97 6.89 -6.55 13.09
C ASP A 97 8.15 -5.79 12.72
N ILE A 98 8.04 -4.96 11.69
CA ILE A 98 9.14 -4.16 11.21
C ILE A 98 8.77 -2.70 11.40
N PRO A 99 9.70 -1.90 11.93
CA PRO A 99 9.38 -0.48 12.11
C PRO A 99 9.23 0.18 10.76
N ILE A 100 8.19 0.98 10.58
CA ILE A 100 8.02 1.67 9.31
C ILE A 100 7.61 3.11 9.51
N ALA A 101 8.26 4.00 8.76
CA ALA A 101 7.98 5.43 8.84
C ALA A 101 7.50 5.95 7.49
N ILE A 102 6.29 6.48 7.48
CA ILE A 102 5.69 7.03 6.26
C ILE A 102 6.01 8.52 6.23
N SER A 103 6.27 9.05 5.05
CA SER A 103 6.57 10.46 4.90
C SER A 103 5.85 11.00 3.69
N ASP A 104 6.05 12.28 3.41
CA ASP A 104 5.38 12.91 2.28
C ASP A 104 6.35 13.71 1.41
N ALA A 105 6.40 13.40 0.13
CA ALA A 105 7.28 14.08 -0.81
C ALA A 105 7.11 15.59 -0.76
N THR A 106 5.89 16.03 -0.48
CA THR A 106 5.60 17.46 -0.41
C THR A 106 6.32 18.11 0.75
N SER A 107 6.49 17.37 1.85
CA SER A 107 7.18 17.90 3.03
C SER A 107 8.41 18.67 2.58
N LEU A 108 8.97 18.26 1.44
CA LEU A 108 10.14 18.90 0.87
C LEU A 108 9.67 19.67 -0.37
N THR A 109 8.99 20.79 -0.14
CA THR A 109 8.46 21.62 -1.22
C THR A 109 9.42 21.69 -2.40
N VAL A 118 14.66 15.23 4.36
CA VAL A 118 15.74 15.55 5.30
C VAL A 118 15.93 14.38 6.26
N GLU A 119 16.99 14.43 7.06
CA GLU A 119 17.29 13.39 8.03
C GLU A 119 16.08 13.18 8.94
N ASN A 120 15.23 14.19 9.01
CA ASN A 120 14.03 14.15 9.83
C ASN A 120 13.31 12.81 9.68
N ILE A 121 13.28 12.32 8.44
CA ILE A 121 12.62 11.06 8.13
C ILE A 121 13.13 9.88 8.95
N LEU A 122 14.44 9.67 8.92
CA LEU A 122 15.07 8.58 9.66
C LEU A 122 14.82 8.71 11.15
N THR A 123 14.46 9.93 11.58
CA THR A 123 14.18 10.23 12.98
C THR A 123 12.93 9.53 13.46
N ARG A 124 11.88 9.58 12.64
CA ARG A 124 10.63 8.93 13.01
C ARG A 124 10.84 7.44 13.10
N LEU A 125 11.60 6.89 12.16
CA LEU A 125 11.88 5.46 12.13
C LEU A 125 12.48 5.01 13.44
N LEU A 126 13.45 5.79 13.93
CA LEU A 126 14.10 5.49 15.20
C LEU A 126 13.05 5.48 16.29
N GLN A 127 12.18 6.47 16.23
CA GLN A 127 11.11 6.62 17.20
C GLN A 127 10.16 5.43 17.06
N ALA A 128 10.06 4.92 15.83
CA ALA A 128 9.18 3.79 15.54
C ALA A 128 9.80 2.44 15.87
N SER A 129 11.07 2.43 16.27
CA SER A 129 11.76 1.20 16.61
C SER A 129 12.49 1.27 17.96
N ASP A 130 12.11 2.21 18.81
CA ASP A 130 12.71 2.39 20.13
C ASP A 130 14.16 2.85 20.10
N TRP A 131 14.50 3.65 19.11
CA TRP A 131 15.85 4.18 18.96
C TRP A 131 16.90 3.08 18.82
N ASN A 132 16.44 1.86 18.58
CA ASN A 132 17.34 0.74 18.40
C ASN A 132 17.89 0.83 16.97
N VAL A 133 19.13 1.27 16.84
CA VAL A 133 19.73 1.41 15.53
C VAL A 133 19.53 0.18 14.66
N GLN A 134 19.77 -1.00 15.22
CA GLN A 134 19.63 -2.25 14.46
C GLN A 134 18.26 -2.48 13.81
N LYS A 135 17.19 -2.44 14.61
CA LYS A 135 15.85 -2.64 14.09
C LYS A 135 15.49 -1.56 13.09
N ALA A 136 15.94 -0.34 13.35
CA ALA A 136 15.65 0.77 12.46
C ALA A 136 16.30 0.53 11.09
N GLN A 137 17.50 -0.05 11.12
CA GLN A 137 18.25 -0.33 9.89
C GLN A 137 17.72 -1.52 9.12
N LYS A 138 16.73 -2.19 9.68
CA LYS A 138 16.11 -3.34 9.05
C LYS A 138 14.67 -2.95 8.74
N GLY A 139 14.35 -1.68 8.95
CA GLY A 139 13.00 -1.19 8.73
C GLY A 139 12.65 -0.70 7.34
N ILE A 140 11.50 -0.06 7.23
CA ILE A 140 11.01 0.46 5.96
C ILE A 140 10.79 1.96 5.98
N VAL A 141 11.15 2.62 4.88
CA VAL A 141 10.95 4.07 4.74
C VAL A 141 9.98 4.26 3.59
N PHE A 142 8.80 4.76 3.90
CA PHE A 142 7.77 4.98 2.90
C PHE A 142 7.71 6.43 2.44
N ILE A 143 8.00 6.68 1.18
CA ILE A 143 7.92 8.03 0.65
C ILE A 143 6.71 8.07 -0.27
N ASP A 144 5.67 8.78 0.17
CA ASP A 144 4.42 8.91 -0.59
C ASP A 144 4.49 10.13 -1.51
N GLU A 145 3.84 10.03 -2.66
CA GLU A 145 3.81 11.11 -3.64
C GLU A 145 5.17 11.46 -4.25
N ILE A 146 6.05 10.48 -4.38
CA ILE A 146 7.36 10.72 -4.96
C ILE A 146 7.16 11.48 -6.28
N ASP A 147 5.97 11.34 -6.84
CA ASP A 147 5.58 11.96 -8.10
C ASP A 147 5.42 13.48 -8.03
N LYS A 148 5.20 14.02 -6.84
CA LYS A 148 5.04 15.46 -6.68
C LYS A 148 6.34 16.22 -6.90
N ILE A 149 7.42 15.49 -7.21
CA ILE A 149 8.71 16.12 -7.43
C ILE A 149 9.43 15.55 -8.66
N GLY A 164 11.36 19.62 -5.83
CA GLY A 164 11.51 19.45 -7.27
C GLY A 164 12.66 18.55 -7.65
N GLU A 165 13.43 18.98 -8.65
CA GLU A 165 14.58 18.22 -9.14
C GLU A 165 15.65 18.15 -8.06
N GLY A 166 15.48 18.94 -7.01
CA GLY A 166 16.44 18.95 -5.93
C GLY A 166 16.11 17.92 -4.86
N VAL A 167 14.84 17.86 -4.46
CA VAL A 167 14.38 16.92 -3.44
C VAL A 167 14.87 15.51 -3.76
N GLN A 168 14.64 15.10 -5.00
CA GLN A 168 15.06 13.78 -5.46
C GLN A 168 16.49 13.46 -5.04
N GLN A 169 17.45 14.21 -5.55
CA GLN A 169 18.85 13.99 -5.22
C GLN A 169 19.08 14.01 -3.71
N ALA A 170 18.45 14.95 -3.02
CA ALA A 170 18.59 15.06 -1.58
C ALA A 170 18.14 13.75 -0.94
N LEU A 171 17.19 13.09 -1.59
CA LEU A 171 16.64 11.82 -1.12
C LEU A 171 17.54 10.68 -1.59
N LEU A 172 17.96 10.77 -2.84
CA LEU A 172 18.82 9.77 -3.47
C LEU A 172 20.00 9.33 -2.60
N LYS A 173 20.62 10.28 -1.92
CA LYS A 173 21.77 9.97 -1.09
C LYS A 173 21.41 8.92 -0.04
N ILE A 174 20.24 9.09 0.57
CA ILE A 174 19.77 8.17 1.60
C ILE A 174 19.29 6.84 1.01
N VAL A 175 18.56 6.89 -0.10
CA VAL A 175 18.06 5.69 -0.75
C VAL A 175 19.26 4.87 -1.21
N GLU A 176 20.21 5.54 -1.85
CA GLU A 176 21.41 4.88 -2.35
C GLU A 176 22.12 4.24 -1.17
N GLY A 177 22.00 4.88 -0.01
CA GLY A 177 22.62 4.35 1.20
C GLY A 177 23.81 5.16 1.66
N SER A 178 23.69 5.76 2.83
CA SER A 178 24.78 6.56 3.39
C SER A 178 24.70 6.55 4.90
N LEU A 179 25.62 7.26 5.54
CA LEU A 179 25.63 7.36 6.99
C LEU A 179 25.08 8.70 7.41
N VAL A 180 24.17 8.69 8.37
CA VAL A 180 23.56 9.92 8.85
C VAL A 180 23.65 10.01 10.37
N ASN A 181 23.63 11.23 10.88
CA ASN A 181 23.71 11.47 12.31
C ASN A 181 22.55 12.35 12.75
N GLN A 197 23.79 8.04 15.34
CA GLN A 197 24.08 7.85 13.93
C GLN A 197 23.33 6.65 13.32
N ILE A 198 22.89 6.81 12.07
CA ILE A 198 22.16 5.77 11.39
C ILE A 198 22.76 5.36 10.05
N ASP A 199 22.71 4.08 9.74
CA ASP A 199 23.23 3.55 8.49
C ASP A 199 22.02 3.13 7.68
N THR A 200 21.75 3.83 6.58
CA THR A 200 20.58 3.54 5.76
C THR A 200 20.81 2.56 4.62
N SER A 201 21.89 1.77 4.70
CA SER A 201 22.20 0.82 3.65
C SER A 201 21.18 -0.32 3.50
N ASP A 202 20.72 -0.86 4.61
CA ASP A 202 19.78 -1.97 4.59
C ASP A 202 18.32 -1.58 4.79
N ILE A 203 18.03 -0.28 4.72
CA ILE A 203 16.65 0.17 4.89
C ILE A 203 15.91 -0.03 3.57
N LEU A 204 14.73 -0.63 3.64
CA LEU A 204 13.93 -0.86 2.44
C LEU A 204 13.17 0.40 2.12
N PHE A 205 13.41 0.96 0.94
CA PHE A 205 12.72 2.17 0.53
C PHE A 205 11.55 1.84 -0.37
N ILE A 206 10.41 2.47 -0.10
CA ILE A 206 9.24 2.28 -0.92
C ILE A 206 8.67 3.64 -1.28
N CYS A 207 8.65 3.95 -2.56
CA CYS A 207 8.10 5.23 -3.01
C CYS A 207 6.76 4.97 -3.68
N ALA A 208 5.81 5.87 -3.49
CA ALA A 208 4.50 5.69 -4.08
C ALA A 208 3.95 6.98 -4.65
N GLY A 209 3.02 6.87 -5.59
CA GLY A 209 2.43 8.04 -6.19
C GLY A 209 1.43 7.66 -7.27
N ALA A 210 0.65 8.65 -7.73
CA ALA A 210 -0.34 8.43 -8.76
C ALA A 210 0.24 8.69 -10.15
N PHE A 211 1.23 9.56 -10.22
CA PHE A 211 1.85 9.90 -11.50
C PHE A 211 0.78 10.22 -12.53
N ASP A 212 -0.16 11.09 -12.16
CA ASP A 212 -1.25 11.46 -13.05
C ASP A 212 -0.81 11.66 -14.49
N GLY A 213 0.36 12.27 -14.69
CA GLY A 213 0.84 12.49 -16.04
C GLY A 213 1.30 11.25 -16.79
N LEU A 214 2.02 10.37 -16.11
CA LEU A 214 2.57 9.14 -16.70
C LEU A 214 1.68 8.40 -17.69
N ALA A 215 0.39 8.41 -17.44
CA ALA A 215 -0.57 7.72 -18.31
C ALA A 215 -0.37 8.09 -19.78
N GLU A 216 -0.44 9.39 -20.07
CA GLU A 216 -0.27 9.87 -21.44
C GLU A 216 1.12 9.60 -21.99
N ILE A 217 2.14 9.79 -21.16
CA ILE A 217 3.52 9.57 -21.58
C ILE A 217 3.74 8.16 -22.13
N ILE A 218 3.09 7.17 -21.53
CA ILE A 218 3.23 5.79 -22.00
C ILE A 218 2.25 5.59 -23.17
N LYS A 219 1.74 6.70 -23.69
CA LYS A 219 0.81 6.65 -24.81
C LYS A 219 1.11 7.78 -25.79
N LYS A 220 2.39 7.95 -26.09
CA LYS A 220 2.86 8.98 -27.02
C LYS A 220 4.07 8.42 -27.74
N ARG A 221 5.23 8.51 -27.09
CA ARG A 221 6.47 8.00 -27.65
C ARG A 221 6.69 6.63 -27.00
N THR A 222 5.73 5.73 -27.22
CA THR A 222 5.80 4.39 -26.64
C THR A 222 5.37 3.25 -27.55
N THR A 223 5.91 2.07 -27.28
CA THR A 223 5.64 0.85 -28.03
C THR A 223 4.14 0.55 -28.10
N GLN A 224 3.78 -0.56 -28.75
CA GLN A 224 2.39 -0.97 -28.90
C GLN A 224 1.58 0.23 -29.36
N ASN A 225 2.18 1.02 -30.24
CA ASN A 225 1.56 2.22 -30.78
C ASN A 225 0.22 1.93 -31.46
N VAL A 226 -0.35 2.95 -32.10
CA VAL A 226 -1.61 2.79 -32.81
C VAL A 226 -1.58 3.50 -34.15
N LEU A 227 -1.94 2.76 -35.20
CA LEU A 227 -1.96 3.28 -36.55
C LEU A 227 -3.36 3.72 -36.96
N GLY A 228 -4.37 3.09 -36.37
CA GLY A 228 -5.74 3.40 -36.71
C GLY A 228 -6.31 4.73 -36.21
N PHE A 229 -7.57 4.95 -36.54
CA PHE A 229 -8.28 6.16 -36.13
C PHE A 229 -8.72 5.99 -34.68
N THR A 230 -8.20 6.85 -33.82
CA THR A 230 -8.56 6.83 -32.40
C THR A 230 -9.64 7.89 -32.20
N GLN A 231 -10.69 7.52 -31.50
CA GLN A 231 -11.81 8.43 -31.28
C GLN A 231 -11.61 9.55 -30.26
N GLU A 232 -10.80 9.31 -29.23
CA GLU A 232 -10.57 10.31 -28.20
C GLU A 232 -9.57 9.94 -27.12
N LYS A 233 -9.36 10.86 -26.19
CA LYS A 233 -8.44 10.66 -25.07
C LYS A 233 -8.77 9.33 -24.40
N MET A 234 -7.75 8.67 -23.86
CA MET A 234 -7.96 7.39 -23.21
C MET A 234 -8.93 7.53 -22.04
N SER A 235 -9.71 6.48 -21.80
CA SER A 235 -10.64 6.49 -20.69
C SER A 235 -9.76 6.13 -19.49
N LYS A 236 -10.04 6.71 -18.33
CA LYS A 236 -9.24 6.41 -17.16
C LYS A 236 -9.10 4.90 -16.94
N LYS A 237 -9.97 4.12 -17.59
CA LYS A 237 -9.91 2.67 -17.45
C LYS A 237 -8.68 2.16 -18.18
N GLU A 238 -8.41 2.71 -19.35
CA GLU A 238 -7.24 2.32 -20.14
C GLU A 238 -6.07 3.19 -19.70
N GLN A 239 -6.40 4.42 -19.29
CA GLN A 239 -5.40 5.37 -18.84
C GLN A 239 -4.79 4.88 -17.53
N GLU A 240 -5.34 3.79 -17.01
CA GLU A 240 -4.86 3.20 -15.77
C GLU A 240 -4.40 1.78 -16.06
N ALA A 241 -4.81 1.27 -17.21
CA ALA A 241 -4.44 -0.08 -17.63
C ALA A 241 -3.16 -0.03 -18.45
N ILE A 242 -2.83 1.13 -19.02
CA ILE A 242 -1.63 1.29 -19.82
C ILE A 242 -0.40 1.35 -18.91
N LEU A 243 -0.63 1.82 -17.69
CA LEU A 243 0.44 1.93 -16.70
C LEU A 243 1.14 0.58 -16.55
N HIS A 244 0.33 -0.47 -16.45
CA HIS A 244 0.85 -1.83 -16.30
C HIS A 244 1.84 -2.18 -17.42
N LEU A 245 2.11 -1.23 -18.30
CA LEU A 245 3.03 -1.44 -19.39
C LEU A 245 4.14 -0.40 -19.37
N VAL A 246 4.36 0.17 -18.18
CA VAL A 246 5.39 1.20 -18.00
C VAL A 246 6.80 0.66 -17.87
N GLN A 247 7.76 1.38 -18.43
CA GLN A 247 9.15 1.01 -18.37
C GLN A 247 9.93 2.17 -17.78
N THR A 248 11.16 1.91 -17.36
CA THR A 248 12.02 2.93 -16.76
C THR A 248 12.10 4.25 -17.51
N HIS A 249 12.25 4.19 -18.83
CA HIS A 249 12.35 5.40 -19.64
C HIS A 249 11.11 6.27 -19.48
N ASP A 250 10.02 5.68 -19.01
CA ASP A 250 8.78 6.40 -18.82
C ASP A 250 8.85 7.30 -17.59
N LEU A 251 9.38 6.76 -16.49
CA LEU A 251 9.51 7.53 -15.25
C LEU A 251 10.42 8.73 -15.46
N VAL A 252 11.35 8.59 -16.40
CA VAL A 252 12.28 9.68 -16.69
C VAL A 252 11.52 10.82 -17.33
N THR A 253 10.90 10.53 -18.47
CA THR A 253 10.12 11.52 -19.20
C THR A 253 9.19 12.25 -18.23
N TYR A 254 8.68 11.50 -17.26
CA TYR A 254 7.78 12.04 -16.25
C TYR A 254 8.50 13.06 -15.38
N GLY A 255 9.83 12.96 -15.35
CA GLY A 255 10.60 13.88 -14.54
C GLY A 255 11.24 13.24 -13.32
N LEU A 256 11.78 12.04 -13.51
CA LEU A 256 12.46 11.32 -12.44
C LEU A 256 13.90 11.07 -12.89
N ILE A 257 14.84 11.58 -12.10
CA ILE A 257 16.26 11.43 -12.42
C ILE A 257 16.64 9.96 -12.55
N PRO A 258 17.35 9.61 -13.63
CA PRO A 258 17.76 8.22 -13.84
C PRO A 258 18.53 7.66 -12.64
N GLU A 259 19.07 8.56 -11.82
CA GLU A 259 19.81 8.13 -10.65
C GLU A 259 18.90 7.50 -9.59
N LEU A 260 17.69 8.03 -9.47
CA LEU A 260 16.74 7.53 -8.48
C LEU A 260 15.96 6.31 -8.99
N ILE A 261 15.47 6.39 -10.22
CA ILE A 261 14.74 5.30 -10.83
C ILE A 261 15.55 4.01 -10.78
N GLY A 262 16.86 4.14 -10.93
CA GLY A 262 17.74 2.98 -10.89
C GLY A 262 17.76 2.38 -9.51
N ARG A 263 17.41 3.19 -8.52
CA ARG A 263 17.36 2.78 -7.13
C ARG A 263 16.02 2.15 -6.77
N LEU A 264 15.08 2.16 -7.71
CA LEU A 264 13.78 1.54 -7.51
C LEU A 264 13.63 0.44 -8.54
N PRO A 265 14.35 -0.68 -8.33
CA PRO A 265 14.31 -1.81 -9.25
C PRO A 265 12.91 -2.37 -9.48
N VAL A 266 12.11 -2.40 -8.43
CA VAL A 266 10.76 -2.94 -8.49
C VAL A 266 9.63 -1.93 -8.70
N LEU A 267 8.95 -2.02 -9.84
CA LEU A 267 7.83 -1.14 -10.12
C LEU A 267 6.55 -1.96 -9.99
N SER A 268 5.56 -1.43 -9.29
CA SER A 268 4.31 -2.15 -9.14
C SER A 268 3.18 -1.17 -9.35
N THR A 269 2.20 -1.59 -10.14
CA THR A 269 1.05 -0.75 -10.45
C THR A 269 -0.25 -1.30 -9.86
N LEU A 270 -1.07 -0.41 -9.31
CA LEU A 270 -2.36 -0.80 -8.74
C LEU A 270 -3.48 -0.19 -9.57
N ASP A 271 -4.60 -0.90 -9.65
CA ASP A 271 -5.77 -0.43 -10.40
C ASP A 271 -6.50 0.55 -9.49
N SER A 272 -7.65 1.04 -9.94
CA SER A 272 -8.46 1.93 -9.10
C SER A 272 -9.48 0.97 -8.52
N ILE A 273 -10.03 1.29 -7.36
CA ILE A 273 -11.02 0.40 -6.77
C ILE A 273 -12.28 0.46 -7.64
N SER A 274 -12.72 -0.70 -8.09
CA SER A 274 -13.92 -0.77 -8.90
C SER A 274 -15.09 -0.91 -7.93
N LEU A 275 -16.31 -0.89 -8.45
CA LEU A 275 -17.45 -1.02 -7.59
C LEU A 275 -17.47 -2.38 -6.89
N GLU A 276 -17.12 -3.42 -7.63
CA GLU A 276 -17.12 -4.79 -7.09
C GLU A 276 -16.08 -4.99 -6.01
N ALA A 277 -14.90 -4.42 -6.20
CA ALA A 277 -13.87 -4.55 -5.19
C ALA A 277 -14.31 -3.79 -3.94
N MET A 278 -14.84 -2.58 -4.13
CA MET A 278 -15.32 -1.75 -3.03
C MET A 278 -16.35 -2.53 -2.22
N VAL A 279 -17.19 -3.28 -2.93
CA VAL A 279 -18.20 -4.09 -2.30
C VAL A 279 -17.48 -5.15 -1.46
N ASP A 280 -16.35 -5.64 -1.97
CA ASP A 280 -15.63 -6.66 -1.23
C ASP A 280 -14.91 -6.08 -0.01
N ILE A 281 -14.35 -4.89 -0.17
CA ILE A 281 -13.64 -4.23 0.93
C ILE A 281 -14.52 -4.07 2.17
N LEU A 282 -15.81 -3.83 1.95
CA LEU A 282 -16.76 -3.64 3.05
C LEU A 282 -17.04 -4.91 3.83
N GLN A 283 -16.85 -6.07 3.20
CA GLN A 283 -17.18 -7.33 3.88
C GLN A 283 -16.12 -8.43 3.92
N LYS A 284 -15.24 -8.46 2.93
CA LYS A 284 -14.26 -9.54 2.89
C LYS A 284 -13.08 -9.54 3.85
N PRO A 285 -12.30 -8.44 3.91
CA PRO A 285 -11.15 -8.43 4.81
C PRO A 285 -11.38 -8.82 6.27
N LYS A 286 -10.31 -9.28 6.92
CA LYS A 286 -10.36 -9.70 8.30
C LYS A 286 -10.84 -8.60 9.23
N ASN A 287 -10.57 -7.35 8.86
CA ASN A 287 -10.96 -6.20 9.66
C ASN A 287 -12.01 -5.36 8.90
N ALA A 288 -12.81 -6.04 8.09
CA ALA A 288 -13.86 -5.39 7.30
C ALA A 288 -14.75 -4.50 8.18
N LEU A 289 -15.17 -3.35 7.66
CA LEU A 289 -16.02 -2.45 8.41
C LEU A 289 -17.25 -3.17 8.95
N ILE A 290 -18.01 -3.79 8.04
CA ILE A 290 -19.22 -4.50 8.45
C ILE A 290 -19.00 -5.43 9.62
N LYS A 291 -17.88 -6.16 9.66
CA LYS A 291 -17.66 -7.08 10.77
C LYS A 291 -17.36 -6.31 12.07
N GLN A 292 -16.84 -5.10 11.92
CA GLN A 292 -16.56 -4.28 13.09
C GLN A 292 -17.92 -3.88 13.66
N TYR A 293 -18.79 -3.34 12.81
CA TYR A 293 -20.10 -2.94 13.24
C TYR A 293 -20.96 -4.11 13.77
N GLN A 294 -20.73 -5.30 13.25
CA GLN A 294 -21.49 -6.46 13.72
C GLN A 294 -20.94 -6.88 15.07
N GLN A 295 -19.64 -6.75 15.22
CA GLN A 295 -19.02 -7.09 16.47
C GLN A 295 -19.58 -6.15 17.55
N LEU A 296 -19.54 -4.86 17.26
CA LEU A 296 -20.02 -3.83 18.18
C LEU A 296 -21.51 -3.96 18.54
N PHE A 297 -22.37 -4.22 17.56
CA PHE A 297 -23.81 -4.39 17.81
C PHE A 297 -24.07 -5.68 18.59
N LYS A 298 -23.27 -6.71 18.31
CA LYS A 298 -23.45 -7.99 18.98
C LYS A 298 -23.28 -7.89 20.49
N MET A 299 -22.34 -7.06 20.94
CA MET A 299 -22.11 -6.90 22.36
C MET A 299 -23.40 -6.45 23.08
N ASP A 300 -24.30 -5.81 22.34
CA ASP A 300 -25.58 -5.40 22.91
C ASP A 300 -26.69 -6.35 22.46
N GLU A 301 -26.26 -7.54 22.08
CA GLU A 301 -27.17 -8.59 21.64
C GLU A 301 -28.10 -8.24 20.49
N VAL A 302 -27.56 -7.59 19.47
CA VAL A 302 -28.34 -7.23 18.28
C VAL A 302 -27.64 -7.84 17.07
N ASP A 303 -28.40 -8.44 16.17
CA ASP A 303 -27.81 -9.03 14.98
C ASP A 303 -27.89 -8.01 13.87
N LEU A 304 -26.75 -7.48 13.46
CA LEU A 304 -26.76 -6.48 12.41
C LEU A 304 -26.48 -7.06 11.03
N ILE A 305 -27.38 -6.76 10.09
CA ILE A 305 -27.25 -7.28 8.73
C ILE A 305 -27.30 -6.20 7.63
N PHE A 306 -26.34 -6.25 6.71
CA PHE A 306 -26.34 -5.29 5.60
C PHE A 306 -26.88 -5.98 4.36
N GLU A 307 -28.05 -5.59 3.91
CA GLU A 307 -28.62 -6.25 2.72
C GLU A 307 -27.72 -5.91 1.54
N GLU A 308 -27.64 -6.85 0.60
CA GLU A 308 -26.79 -6.67 -0.57
C GLU A 308 -26.82 -5.30 -1.23
N GLU A 309 -28.00 -4.86 -1.66
CA GLU A 309 -28.12 -3.56 -2.31
C GLU A 309 -27.72 -2.44 -1.36
N ALA A 310 -27.69 -2.73 -0.06
CA ALA A 310 -27.30 -1.72 0.91
C ALA A 310 -25.78 -1.57 0.77
N ILE A 311 -25.08 -2.70 0.76
CA ILE A 311 -23.63 -2.67 0.61
C ILE A 311 -23.27 -2.03 -0.71
N LYS A 312 -24.03 -2.38 -1.74
CA LYS A 312 -23.79 -1.84 -3.07
C LYS A 312 -23.97 -0.35 -3.07
N GLU A 313 -24.96 0.11 -2.30
CA GLU A 313 -25.24 1.54 -2.23
C GLU A 313 -24.14 2.29 -1.48
N ILE A 314 -23.65 1.68 -0.39
CA ILE A 314 -22.57 2.27 0.39
C ILE A 314 -21.34 2.36 -0.49
N ALA A 315 -21.06 1.28 -1.23
CA ALA A 315 -19.90 1.25 -2.11
C ALA A 315 -20.03 2.27 -3.25
N GLN A 316 -21.21 2.33 -3.87
CA GLN A 316 -21.41 3.26 -4.96
C GLN A 316 -21.24 4.70 -4.49
N LEU A 317 -21.62 4.95 -3.24
CA LEU A 317 -21.49 6.28 -2.66
C LEU A 317 -20.02 6.68 -2.54
N ALA A 318 -19.22 5.80 -1.93
CA ALA A 318 -17.80 6.05 -1.73
C ALA A 318 -17.13 6.49 -3.03
N LEU A 319 -17.57 5.91 -4.13
CA LEU A 319 -17.02 6.24 -5.44
C LEU A 319 -17.42 7.64 -5.92
N GLU A 320 -18.72 7.90 -5.94
CA GLU A 320 -19.24 9.19 -6.37
C GLU A 320 -18.55 10.28 -5.60
N ARG A 321 -18.76 10.28 -4.29
CA ARG A 321 -18.17 11.29 -3.43
C ARG A 321 -16.65 11.28 -3.57
N LYS A 322 -16.15 10.34 -4.37
CA LYS A 322 -14.71 10.21 -4.60
C LYS A 322 -13.96 10.25 -3.29
N THR A 323 -14.65 9.78 -2.25
CA THR A 323 -14.11 9.72 -0.90
C THR A 323 -13.34 8.41 -0.78
N GLY A 324 -13.42 7.59 -1.82
CA GLY A 324 -12.73 6.31 -1.87
C GLY A 324 -12.94 5.38 -0.69
N ALA A 325 -12.18 4.29 -0.66
CA ALA A 325 -12.26 3.31 0.42
C ALA A 325 -12.06 3.97 1.79
N ARG A 326 -11.35 5.10 1.82
CA ARG A 326 -11.12 5.79 3.08
C ARG A 326 -12.45 6.35 3.59
N GLY A 327 -13.33 6.71 2.67
CA GLY A 327 -14.61 7.27 3.05
C GLY A 327 -15.74 6.31 3.39
N LEU A 328 -15.45 5.01 3.44
CA LEU A 328 -16.49 4.05 3.77
C LEU A 328 -17.00 4.20 5.20
N ARG A 329 -16.08 4.30 6.17
CA ARG A 329 -16.48 4.43 7.57
C ARG A 329 -17.33 5.67 7.80
N ALA A 330 -16.98 6.75 7.11
CA ALA A 330 -17.70 8.00 7.26
C ALA A 330 -19.14 7.89 6.73
N ILE A 331 -19.31 7.11 5.66
CA ILE A 331 -20.65 6.92 5.09
C ILE A 331 -21.50 6.01 5.98
N ILE A 332 -20.88 4.99 6.56
CA ILE A 332 -21.60 4.11 7.46
C ILE A 332 -22.01 4.87 8.74
N GLU A 333 -21.07 5.62 9.32
CA GLU A 333 -21.34 6.40 10.54
C GLU A 333 -22.49 7.38 10.37
N ASP A 334 -22.61 7.92 9.18
CA ASP A 334 -23.65 8.89 8.90
C ASP A 334 -25.09 8.36 9.00
N PHE A 335 -25.29 7.05 8.86
CA PHE A 335 -26.65 6.52 8.95
C PHE A 335 -26.76 5.49 10.05
N CYS A 336 -25.66 5.29 10.78
CA CYS A 336 -25.61 4.30 11.84
C CYS A 336 -25.57 4.98 13.22
N LEU A 337 -25.22 6.26 13.22
CA LEU A 337 -25.11 7.02 14.45
C LEU A 337 -26.44 6.98 15.18
N ASP A 338 -27.50 7.40 14.51
CA ASP A 338 -28.83 7.37 15.12
C ASP A 338 -29.15 5.97 15.65
N ILE A 339 -28.89 4.95 14.83
CA ILE A 339 -29.15 3.56 15.21
C ILE A 339 -28.40 3.17 16.48
N MET A 340 -27.10 3.47 16.54
CA MET A 340 -26.31 3.15 17.73
C MET A 340 -26.78 4.00 18.92
N PHE A 341 -27.29 5.20 18.64
CA PHE A 341 -27.75 6.05 19.71
C PHE A 341 -28.88 5.41 20.51
N ASP A 342 -29.85 4.81 19.83
CA ASP A 342 -30.94 4.17 20.56
C ASP A 342 -30.96 2.66 20.32
N LEU A 343 -29.77 2.06 20.40
CA LEU A 343 -29.62 0.63 20.18
C LEU A 343 -30.36 -0.25 21.19
N PRO A 344 -30.38 0.15 22.47
CA PRO A 344 -31.06 -0.63 23.52
C PRO A 344 -32.51 -1.05 23.26
N LYS A 345 -33.28 -0.20 22.61
CA LYS A 345 -34.67 -0.55 22.32
C LYS A 345 -34.70 -1.52 21.14
N LEU A 346 -33.54 -2.11 20.87
CA LEU A 346 -33.38 -3.06 19.77
C LEU A 346 -32.71 -4.33 20.27
N LYS A 347 -32.23 -4.28 21.50
CA LYS A 347 -31.57 -5.41 22.12
C LYS A 347 -32.34 -6.70 21.88
N GLY A 348 -31.61 -7.78 21.63
CA GLY A 348 -32.25 -9.07 21.41
C GLY A 348 -32.92 -9.23 20.06
N SER A 349 -32.91 -8.19 19.23
CA SER A 349 -33.54 -8.31 17.91
C SER A 349 -32.56 -8.24 16.76
N GLU A 350 -33.10 -8.20 15.55
CA GLU A 350 -32.29 -8.15 14.34
C GLU A 350 -32.50 -6.84 13.59
N VAL A 351 -31.40 -6.13 13.37
CA VAL A 351 -31.41 -4.86 12.64
C VAL A 351 -30.91 -5.10 11.22
N ARG A 352 -31.78 -4.84 10.25
CA ARG A 352 -31.46 -5.06 8.85
C ARG A 352 -31.27 -3.74 8.09
N ILE A 353 -30.04 -3.50 7.63
CA ILE A 353 -29.71 -2.29 6.88
C ILE A 353 -30.08 -2.41 5.40
N THR A 354 -30.77 -1.42 4.88
CA THR A 354 -31.21 -1.43 3.49
C THR A 354 -30.75 -0.22 2.71
N LYS A 355 -30.87 -0.28 1.39
CA LYS A 355 -30.48 0.81 0.51
C LYS A 355 -31.08 2.13 0.99
N ASP A 356 -32.40 2.14 1.19
CA ASP A 356 -33.11 3.34 1.65
C ASP A 356 -32.47 3.85 2.91
N CYS A 357 -32.35 2.98 3.90
CA CYS A 357 -31.73 3.34 5.16
C CYS A 357 -30.36 4.00 4.90
N VAL A 358 -29.55 3.33 4.09
CA VAL A 358 -28.23 3.86 3.75
C VAL A 358 -28.38 5.27 3.18
N LEU A 359 -29.30 5.44 2.24
CA LEU A 359 -29.54 6.72 1.62
C LEU A 359 -30.30 7.65 2.57
N LYS A 360 -30.52 7.16 3.78
CA LYS A 360 -31.23 7.91 4.81
C LYS A 360 -32.63 8.38 4.38
N GLN A 361 -33.24 7.60 3.49
CA GLN A 361 -34.58 7.87 2.97
C GLN A 361 -35.55 6.97 3.72
N ALA A 362 -35.04 6.25 4.72
CA ALA A 362 -35.89 5.34 5.49
C ALA A 362 -35.23 4.84 6.76
N GLU A 363 -36.01 4.17 7.58
CA GLU A 363 -35.53 3.63 8.85
C GLU A 363 -35.05 2.20 8.60
N PRO A 364 -34.23 1.65 9.50
CA PRO A 364 -33.76 0.28 9.30
C PRO A 364 -34.85 -0.73 9.65
N LEU A 365 -34.75 -1.94 9.09
CA LEU A 365 -35.76 -2.97 9.35
C LEU A 365 -35.50 -3.76 10.62
N ILE A 366 -36.12 -3.36 11.71
CA ILE A 366 -35.96 -4.11 12.96
C ILE A 366 -36.86 -5.32 12.81
N ILE A 367 -36.33 -6.50 13.12
CA ILE A 367 -37.10 -7.73 13.01
C ILE A 367 -37.06 -8.54 14.30
N ALA A 368 -38.21 -8.70 14.93
CA ALA A 368 -38.35 -9.42 16.19
C ALA A 368 -37.50 -10.68 16.25
#